data_2QC6
#
_entry.id   2QC6
#
_cell.length_a   141.676
_cell.length_b   60.252
_cell.length_c   44.901
_cell.angle_alpha   90.00
_cell.angle_beta   103.00
_cell.angle_gamma   90.00
#
_symmetry.space_group_name_H-M   'C 1 2 1'
#
loop_
_entity.id
_entity.type
_entity.pdbx_description
1 polymer 'Casein kinase II subunit alpha'
2 non-polymer 3,8-DIBROMO-7-HYDROXY-4-METHYL-2H-CHROMEN-2-ONE
3 water water
#
_entity_poly.entity_id   1
_entity_poly.type   'polypeptide(L)'
_entity_poly.pdbx_seq_one_letter_code
;MSKARVYADVNVLRPKEYWDYEALTVQWGEQDDYEVVRKVGRGKYSEVFEGINVNNNEKCIIKILKPVKKKKIKREIKIL
QNL(CSO)GGPNIVKLLDIVRDQHSKTPSLIFEYVNNTDFKVLYPTLTDYDIRYYIYELLKALDYCHSQGIMHRDVKPHN
VMIDHELRKLRLIDWGLAEFYHPGKEYNVRVASRYFKGPELLVDLQDYDYSLDMWSLGCMFAGMIFRKEPFFYGHDNHDQ
LVKIAKVLGTDGLNVYLNKYRIELDPQLEALVGRHSRKPWLKFMNADNQHLVSPEAIDFLDKLLRYDHQERLTALEAMTH
PYFQQVRAAENSRTRA
;
_entity_poly.pdbx_strand_id   A
#
# COMPACT_ATOMS: atom_id res chain seq x y z
N SER A 2 -11.99 -16.72 -7.13
CA SER A 2 -10.69 -16.52 -6.42
C SER A 2 -10.93 -16.24 -4.92
N LYS A 3 -10.17 -16.91 -4.05
CA LYS A 3 -10.01 -16.52 -2.65
C LYS A 3 -8.53 -16.26 -2.33
N ALA A 4 -8.30 -15.53 -1.24
CA ALA A 4 -6.97 -15.40 -0.63
C ALA A 4 -6.47 -16.76 -0.16
N ARG A 5 -5.19 -16.99 -0.36
CA ARG A 5 -4.55 -18.23 0.00
C ARG A 5 -4.23 -18.26 1.50
N VAL A 6 -4.22 -17.08 2.13
CA VAL A 6 -4.01 -16.92 3.57
C VAL A 6 -5.01 -15.95 4.21
N TYR A 7 -5.24 -16.07 5.51
CA TYR A 7 -6.07 -15.10 6.26
C TYR A 7 -7.50 -14.93 5.69
N ALA A 8 -8.03 -15.95 5.04
CA ALA A 8 -9.30 -15.79 4.32
C ALA A 8 -10.53 -15.76 5.22
N ASP A 9 -10.41 -16.40 6.40
CA ASP A 9 -11.51 -16.51 7.35
C ASP A 9 -11.44 -15.50 8.51
N VAL A 10 -10.51 -14.54 8.46
CA VAL A 10 -10.34 -13.62 9.58
C VAL A 10 -11.68 -12.97 9.96
N ASN A 11 -12.39 -12.45 8.96
CA ASN A 11 -13.63 -11.72 9.21
C ASN A 11 -14.82 -12.64 9.49
N VAL A 12 -14.79 -13.83 8.92
CA VAL A 12 -15.74 -14.89 9.20
C VAL A 12 -15.74 -15.22 10.69
N LEU A 13 -14.55 -15.39 11.25
CA LEU A 13 -14.41 -15.79 12.65
C LEU A 13 -14.57 -14.62 13.62
N ARG A 14 -14.42 -13.40 13.14
CA ARG A 14 -14.55 -12.26 14.05
C ARG A 14 -16.02 -11.80 14.19
N PRO A 15 -16.37 -11.22 15.35
CA PRO A 15 -17.71 -10.64 15.56
C PRO A 15 -18.01 -9.59 14.52
N LYS A 16 -19.26 -9.51 14.07
CA LYS A 16 -19.67 -8.64 12.97
C LYS A 16 -19.30 -7.17 13.19
N GLU A 17 -19.19 -6.77 14.45
CA GLU A 17 -18.77 -5.42 14.82
C GLU A 17 -17.38 -5.09 14.32
N TYR A 18 -16.52 -6.11 14.19
CA TYR A 18 -15.15 -5.90 13.75
C TYR A 18 -15.15 -5.30 12.35
N TRP A 19 -15.92 -5.90 11.46
CA TRP A 19 -15.89 -5.55 10.05
C TRP A 19 -17.10 -4.74 9.55
N ASP A 20 -18.13 -4.66 10.38
CA ASP A 20 -19.30 -3.86 10.05
C ASP A 20 -19.04 -2.39 10.33
N TYR A 21 -18.25 -1.76 9.47
CA TYR A 21 -17.90 -0.36 9.63
C TYR A 21 -19.07 0.62 9.41
N GLU A 22 -20.15 0.18 8.77
CA GLU A 22 -21.31 1.06 8.54
C GLU A 22 -22.12 1.32 9.80
N ALA A 23 -22.08 0.35 10.73
CA ALA A 23 -22.74 0.44 12.02
C ALA A 23 -21.90 1.15 13.09
N LEU A 24 -20.76 1.72 12.69
CA LEU A 24 -19.96 2.48 13.63
C LEU A 24 -20.66 3.82 13.94
N THR A 25 -20.72 4.17 15.21
CA THR A 25 -21.14 5.50 15.63
C THR A 25 -19.93 6.14 16.27
N VAL A 26 -19.45 7.22 15.66
CA VAL A 26 -18.21 7.86 16.08
C VAL A 26 -18.38 8.52 17.45
N GLN A 27 -17.41 8.32 18.35
CA GLN A 27 -17.34 9.06 19.61
C GLN A 27 -16.40 10.26 19.46
N TRP A 28 -16.99 11.41 19.10
CA TRP A 28 -16.24 12.63 18.81
C TRP A 28 -15.54 13.22 20.04
N GLY A 29 -14.25 13.52 19.89
CA GLY A 29 -13.46 14.15 20.94
C GLY A 29 -13.51 15.67 20.89
N GLU A 30 -12.51 16.33 21.44
CA GLU A 30 -12.52 17.80 21.52
C GLU A 30 -11.69 18.48 20.45
N GLN A 31 -12.37 19.16 19.53
CA GLN A 31 -11.73 19.85 18.40
C GLN A 31 -10.58 20.79 18.80
N ASP A 32 -10.72 21.51 19.92
CA ASP A 32 -9.66 22.47 20.29
C ASP A 32 -8.54 21.89 21.15
N ASP A 33 -8.58 20.58 21.38
CA ASP A 33 -7.43 19.87 21.92
C ASP A 33 -6.22 19.99 20.98
N TYR A 34 -6.49 20.19 19.68
CA TYR A 34 -5.46 20.04 18.63
C TYR A 34 -5.40 21.23 17.68
N GLU A 35 -4.23 21.85 17.61
CA GLU A 35 -4.05 23.05 16.80
C GLU A 35 -3.10 22.83 15.63
N VAL A 36 -3.52 23.26 14.45
CA VAL A 36 -2.69 23.20 13.25
C VAL A 36 -1.47 24.09 13.42
N VAL A 37 -0.30 23.53 13.11
CA VAL A 37 0.95 24.27 13.12
C VAL A 37 1.41 24.55 11.69
N ARG A 38 1.44 23.52 10.85
CA ARG A 38 1.96 23.65 9.49
C ARG A 38 1.44 22.55 8.56
N LYS A 39 1.09 22.91 7.34
CA LYS A 39 0.65 21.91 6.36
C LYS A 39 1.82 21.01 5.98
N VAL A 40 1.56 19.71 5.84
CA VAL A 40 2.61 18.76 5.46
C VAL A 40 2.29 17.91 4.23
N GLY A 41 1.01 17.86 3.88
CA GLY A 41 0.60 17.08 2.73
C GLY A 41 -0.85 17.31 2.38
N ARG A 42 -1.23 16.81 1.22
CA ARG A 42 -2.61 16.89 0.77
C ARG A 42 -2.86 15.88 -0.35
N GLY A 43 -4.12 15.55 -0.56
CA GLY A 43 -4.49 14.72 -1.70
C GLY A 43 -5.93 14.95 -2.08
N LYS A 44 -6.46 14.05 -2.91
CA LYS A 44 -7.84 14.13 -3.36
C LYS A 44 -8.81 14.15 -2.19
N TYR A 45 -8.43 13.54 -1.07
CA TYR A 45 -9.41 13.27 -0.01
C TYR A 45 -9.14 13.90 1.35
N SER A 46 -8.00 14.56 1.50
CA SER A 46 -7.65 15.13 2.79
C SER A 46 -6.59 16.20 2.65
N GLU A 47 -6.42 16.99 3.70
CA GLU A 47 -5.21 17.79 3.89
C GLU A 47 -4.64 17.49 5.26
N VAL A 48 -3.32 17.56 5.35
CA VAL A 48 -2.62 17.05 6.50
C VAL A 48 -1.65 18.07 7.04
N PHE A 49 -1.66 18.21 8.36
CA PHE A 49 -0.91 19.26 9.04
C PHE A 49 -0.08 18.70 10.18
N GLU A 50 1.09 19.31 10.41
CA GLU A 50 1.76 19.14 11.68
C GLU A 50 0.87 19.87 12.68
N GLY A 51 0.70 19.26 13.86
CA GLY A 51 -0.15 19.85 14.87
C GLY A 51 0.45 19.79 16.25
N ILE A 52 -0.26 20.38 17.20
CA ILE A 52 0.09 20.30 18.62
C ILE A 52 -1.15 19.94 19.44
N ASN A 53 -0.98 18.97 20.34
CA ASN A 53 -1.97 18.66 21.35
C ASN A 53 -1.77 19.68 22.47
N VAL A 54 -2.76 20.52 22.70
CA VAL A 54 -2.62 21.66 23.65
C VAL A 54 -2.57 21.24 25.12
N ASN A 55 -3.09 20.05 25.43
CA ASN A 55 -2.99 19.49 26.79
C ASN A 55 -1.55 19.23 27.23
N ASN A 56 -0.81 18.51 26.41
CA ASN A 56 0.53 18.04 26.76
C ASN A 56 1.65 18.59 25.88
N ASN A 57 1.28 19.46 24.93
CA ASN A 57 2.22 20.17 24.04
C ASN A 57 3.06 19.28 23.14
N GLU A 58 2.58 18.06 22.95
CA GLU A 58 3.22 17.10 22.06
C GLU A 58 2.77 17.29 20.62
N LYS A 59 3.70 17.10 19.67
CA LYS A 59 3.36 17.13 18.24
C LYS A 59 2.30 16.08 17.92
N CYS A 60 1.54 16.33 16.85
CA CYS A 60 0.62 15.36 16.30
C CYS A 60 0.41 15.64 14.81
N ILE A 61 -0.40 14.80 14.18
CA ILE A 61 -0.75 14.95 12.78
C ILE A 61 -2.25 15.09 12.70
N ILE A 62 -2.68 16.12 11.97
CA ILE A 62 -4.07 16.45 11.86
C ILE A 62 -4.48 16.30 10.41
N LYS A 63 -5.26 15.25 10.16
CA LYS A 63 -5.73 14.93 8.84
C LYS A 63 -7.16 15.42 8.70
N ILE A 64 -7.33 16.51 7.95
CA ILE A 64 -8.65 17.10 7.79
C ILE A 64 -9.27 16.53 6.53
N LEU A 65 -10.42 15.89 6.70
CA LEU A 65 -11.05 15.18 5.60
C LEU A 65 -11.93 16.06 4.74
N LYS A 66 -11.81 15.89 3.43
CA LYS A 66 -12.65 16.58 2.46
C LYS A 66 -14.02 15.92 2.43
N PRO A 67 -15.05 16.64 1.93
CA PRO A 67 -16.41 16.14 1.95
C PRO A 67 -16.48 14.85 1.17
N VAL A 68 -17.00 13.81 1.82
CA VAL A 68 -17.10 12.50 1.20
C VAL A 68 -18.22 11.73 1.91
N LYS A 69 -18.67 10.62 1.33
CA LYS A 69 -19.73 9.83 1.97
C LYS A 69 -19.37 9.40 3.40
N LYS A 70 -20.40 9.40 4.26
CA LYS A 70 -20.29 8.98 5.65
C LYS A 70 -19.69 7.57 5.76
N LYS A 71 -19.96 6.75 4.74
CA LYS A 71 -19.55 5.34 4.74
C LYS A 71 -18.04 5.22 4.69
N LYS A 72 -17.42 5.97 3.78
CA LYS A 72 -15.97 5.98 3.58
C LYS A 72 -15.19 6.52 4.77
N ILE A 73 -15.86 7.38 5.55
CA ILE A 73 -15.29 7.91 6.78
C ILE A 73 -15.31 6.87 7.90
N LYS A 74 -16.45 6.21 8.11
CA LYS A 74 -16.53 5.15 9.11
C LYS A 74 -15.56 3.99 8.77
N ARG A 75 -15.44 3.68 7.47
CA ARG A 75 -14.52 2.64 6.99
C ARG A 75 -13.08 2.86 7.45
N GLU A 76 -12.53 4.02 7.12
CA GLU A 76 -11.18 4.37 7.49
C GLU A 76 -11.00 4.44 9.00
N ILE A 77 -11.99 4.94 9.73
CA ILE A 77 -11.89 4.99 11.20
C ILE A 77 -11.83 3.57 11.79
N LYS A 78 -12.83 2.76 11.46
CA LYS A 78 -12.92 1.40 11.96
C LYS A 78 -11.65 0.61 11.65
N ILE A 79 -11.17 0.73 10.42
CA ILE A 79 -9.93 0.07 10.03
C ILE A 79 -8.79 0.55 10.94
N LEU A 80 -8.70 1.86 11.14
CA LEU A 80 -7.63 2.43 11.96
C LEU A 80 -7.65 1.96 13.40
N GLN A 81 -8.84 1.94 13.99
CA GLN A 81 -9.04 1.44 15.33
C GLN A 81 -8.68 -0.03 15.38
N ASN A 82 -9.09 -0.78 14.36
CA ASN A 82 -8.78 -2.22 14.28
C ASN A 82 -7.29 -2.50 14.29
N LEU A 83 -6.52 -1.68 13.58
CA LEU A 83 -5.09 -1.94 13.41
C LEU A 83 -4.18 -1.22 14.41
N GLY A 85 -1.82 -0.13 17.05
CA GLY A 85 -0.90 -0.93 17.87
C GLY A 85 -0.04 -1.94 17.12
N GLY A 86 -0.46 -2.30 15.91
CA GLY A 86 0.28 -3.20 15.04
C GLY A 86 1.57 -2.62 14.51
N PRO A 87 2.51 -3.50 14.10
CA PRO A 87 3.85 -3.03 13.67
C PRO A 87 3.80 -2.03 12.52
N ASN A 88 4.43 -0.87 12.72
CA ASN A 88 4.55 0.17 11.69
C ASN A 88 3.25 0.70 11.05
N ILE A 89 2.13 0.44 11.71
CA ILE A 89 0.87 1.02 11.33
C ILE A 89 0.64 2.35 12.09
N VAL A 90 0.34 3.40 11.33
CA VAL A 90 0.11 4.74 11.89
C VAL A 90 -0.97 4.68 12.99
N LYS A 91 -0.74 5.35 14.12
CA LYS A 91 -1.71 5.31 15.24
C LYS A 91 -2.69 6.46 15.21
N LEU A 92 -3.98 6.12 15.19
CA LEU A 92 -5.07 7.06 15.32
C LEU A 92 -5.29 7.35 16.80
N LEU A 93 -5.06 8.61 17.19
CA LEU A 93 -5.15 9.00 18.60
C LEU A 93 -6.51 9.56 18.99
N ASP A 94 -7.16 10.25 18.06
CA ASP A 94 -8.44 10.94 18.33
C ASP A 94 -9.21 11.21 17.04
N ILE A 95 -10.51 11.46 17.18
CA ILE A 95 -11.36 11.87 16.07
C ILE A 95 -12.20 13.04 16.56
N VAL A 96 -12.18 14.13 15.79
CA VAL A 96 -12.88 15.37 16.12
C VAL A 96 -13.52 16.01 14.89
N ARG A 97 -14.44 16.94 15.13
CA ARG A 97 -15.06 17.69 14.05
C ARG A 97 -15.26 19.15 14.44
N ASP A 98 -15.29 19.98 13.42
CA ASP A 98 -15.58 21.38 13.53
C ASP A 98 -17.08 21.50 13.81
N GLN A 99 -17.47 22.08 14.95
CA GLN A 99 -18.90 22.20 15.30
C GLN A 99 -19.77 22.77 14.18
N HIS A 100 -19.33 23.85 13.54
CA HIS A 100 -20.16 24.57 12.57
C HIS A 100 -20.39 23.81 11.27
N SER A 101 -19.31 23.32 10.67
CA SER A 101 -19.39 22.65 9.36
C SER A 101 -19.42 21.13 9.45
N LYS A 102 -19.04 20.60 10.61
CA LYS A 102 -18.92 19.15 10.85
C LYS A 102 -17.81 18.50 10.01
N THR A 103 -16.75 19.22 9.68
CA THR A 103 -15.67 18.58 8.93
C THR A 103 -14.80 17.77 9.88
N PRO A 104 -14.64 16.46 9.58
CA PRO A 104 -13.86 15.58 10.43
C PRO A 104 -12.35 15.80 10.32
N SER A 105 -11.67 15.66 11.46
CA SER A 105 -10.24 15.56 11.47
C SER A 105 -9.90 14.26 12.18
N LEU A 106 -9.00 13.49 11.58
CA LEU A 106 -8.41 12.36 12.24
C LEU A 106 -7.09 12.79 12.85
N ILE A 107 -6.89 12.49 14.13
CA ILE A 107 -5.69 12.88 14.84
C ILE A 107 -4.79 11.66 15.02
N PHE A 108 -3.53 11.80 14.60
CA PHE A 108 -2.55 10.71 14.57
C PHE A 108 -1.30 11.06 15.34
N GLU A 109 -0.57 10.01 15.74
CA GLU A 109 0.81 10.15 16.21
C GLU A 109 1.57 10.99 15.20
N TYR A 110 2.56 11.73 15.66
CA TYR A 110 3.36 12.52 14.78
C TYR A 110 4.46 11.64 14.19
N VAL A 111 4.67 11.79 12.90
CA VAL A 111 5.76 11.14 12.21
C VAL A 111 6.45 12.19 11.41
N ASN A 112 7.78 12.23 11.50
CA ASN A 112 8.53 13.23 10.78
C ASN A 112 9.15 12.68 9.49
N ASN A 113 8.31 12.61 8.46
CA ASN A 113 8.69 12.10 7.15
C ASN A 113 9.72 12.92 6.35
N THR A 114 10.40 12.22 5.44
CA THR A 114 11.27 12.80 4.44
C THR A 114 10.76 12.39 3.04
N ASP A 115 10.42 13.35 2.20
CA ASP A 115 9.92 12.96 0.87
C ASP A 115 10.79 11.90 0.21
N PHE A 116 10.13 10.85 -0.30
CA PHE A 116 10.78 9.72 -0.92
C PHE A 116 11.59 10.08 -2.14
N LYS A 117 11.14 11.13 -2.85
CA LYS A 117 11.85 11.59 -4.05
C LYS A 117 13.22 12.17 -3.69
N VAL A 118 13.38 12.56 -2.44
CA VAL A 118 14.64 13.09 -1.93
C VAL A 118 15.37 12.05 -1.04
N LEU A 119 14.60 11.31 -0.24
CA LEU A 119 15.16 10.27 0.63
C LEU A 119 15.74 9.06 -0.12
N TYR A 120 14.97 8.51 -1.05
CA TYR A 120 15.30 7.21 -1.67
C TYR A 120 16.67 7.18 -2.39
N PRO A 121 17.04 8.26 -3.13
CA PRO A 121 18.44 8.36 -3.63
C PRO A 121 19.55 8.12 -2.61
N THR A 122 19.31 8.45 -1.34
CA THR A 122 20.31 8.36 -0.28
C THR A 122 20.36 6.98 0.41
N LEU A 123 19.33 6.17 0.19
CA LEU A 123 19.22 4.87 0.82
C LEU A 123 20.27 3.93 0.25
N THR A 124 20.95 3.25 1.15
CA THR A 124 21.95 2.26 0.77
C THR A 124 21.25 0.93 0.51
N ASP A 125 21.93 0.05 -0.20
CA ASP A 125 21.50 -1.34 -0.33
C ASP A 125 20.82 -1.86 0.93
N TYR A 126 21.51 -1.77 2.07
CA TYR A 126 20.97 -2.28 3.34
C TYR A 126 19.70 -1.56 3.79
N ASP A 127 19.70 -0.23 3.68
CA ASP A 127 18.56 0.61 4.04
C ASP A 127 17.29 0.10 3.37
N ILE A 128 17.40 -0.18 2.08
CA ILE A 128 16.24 -0.59 1.28
C ILE A 128 15.71 -1.90 1.84
N ARG A 129 16.61 -2.84 2.13
CA ARG A 129 16.24 -4.14 2.72
C ARG A 129 15.50 -3.87 4.04
N TYR A 130 16.11 -3.04 4.87
CA TYR A 130 15.57 -2.68 6.16
C TYR A 130 14.16 -2.06 6.13
N TYR A 131 13.98 -1.02 5.32
CA TYR A 131 12.68 -0.33 5.26
C TYR A 131 11.59 -1.16 4.62
N ILE A 132 11.93 -1.89 3.56
CA ILE A 132 10.96 -2.80 2.93
C ILE A 132 10.51 -3.89 3.91
N TYR A 133 11.46 -4.40 4.71
CA TYR A 133 11.11 -5.36 5.77
C TYR A 133 10.17 -4.70 6.79
N GLU A 134 10.48 -3.47 7.21
CA GLU A 134 9.57 -2.75 8.12
C GLU A 134 8.18 -2.60 7.50
N LEU A 135 8.11 -2.29 6.22
CA LEU A 135 6.82 -2.16 5.54
C LEU A 135 6.08 -3.51 5.47
N LEU A 136 6.83 -4.61 5.29
CA LEU A 136 6.22 -5.97 5.28
C LEU A 136 5.58 -6.35 6.60
N LYS A 137 6.18 -5.91 7.71
CA LYS A 137 5.56 -6.07 9.05
C LYS A 137 4.13 -5.50 9.11
N ALA A 138 3.98 -4.29 8.57
CA ALA A 138 2.70 -3.59 8.56
C ALA A 138 1.70 -4.34 7.70
N LEU A 139 2.17 -4.81 6.55
CA LEU A 139 1.31 -5.50 5.60
C LEU A 139 0.89 -6.87 6.12
N ASP A 140 1.83 -7.64 6.67
CA ASP A 140 1.44 -8.93 7.25
C ASP A 140 0.48 -8.71 8.41
N TYR A 141 0.79 -7.73 9.26
CA TYR A 141 -0.16 -7.37 10.31
C TYR A 141 -1.55 -7.05 9.75
N CYS A 142 -1.67 -6.11 8.80
CA CYS A 142 -3.02 -5.68 8.39
C CYS A 142 -3.77 -6.83 7.73
N HIS A 143 -3.07 -7.59 6.88
CA HIS A 143 -3.70 -8.80 6.26
C HIS A 143 -4.14 -9.82 7.30
N SER A 144 -3.30 -10.02 8.32
CA SER A 144 -3.60 -10.95 9.40
C SER A 144 -4.87 -10.54 10.14
N GLN A 145 -5.16 -9.23 10.09
CA GLN A 145 -6.34 -8.64 10.72
C GLN A 145 -7.53 -8.50 9.76
N GLY A 146 -7.40 -9.09 8.57
CA GLY A 146 -8.51 -9.16 7.61
C GLY A 146 -8.67 -7.92 6.73
N ILE A 147 -7.58 -7.15 6.60
CA ILE A 147 -7.63 -5.85 5.93
C ILE A 147 -6.60 -5.77 4.80
N MET A 148 -7.02 -5.20 3.68
CA MET A 148 -6.19 -4.89 2.53
C MET A 148 -5.97 -3.40 2.53
N HIS A 149 -4.73 -2.95 2.36
CA HIS A 149 -4.46 -1.52 2.32
C HIS A 149 -5.03 -0.91 1.03
N ARG A 150 -4.69 -1.51 -0.11
CA ARG A 150 -5.18 -1.12 -1.45
C ARG A 150 -4.64 0.18 -2.00
N ASP A 151 -3.59 0.71 -1.38
CA ASP A 151 -2.96 1.92 -1.88
C ASP A 151 -1.49 2.00 -1.42
N VAL A 152 -0.80 0.88 -1.52
CA VAL A 152 0.61 0.84 -1.17
C VAL A 152 1.37 1.61 -2.23
N LYS A 153 2.23 2.53 -1.79
CA LYS A 153 3.07 3.33 -2.68
C LYS A 153 3.99 4.13 -1.76
N PRO A 154 5.14 4.64 -2.28
CA PRO A 154 6.01 5.43 -1.39
C PRO A 154 5.33 6.60 -0.67
N HIS A 155 4.39 7.27 -1.32
CA HIS A 155 3.71 8.44 -0.76
C HIS A 155 2.94 8.09 0.49
N ASN A 156 2.54 6.82 0.61
CA ASN A 156 1.81 6.34 1.78
C ASN A 156 2.66 5.59 2.82
N VAL A 157 3.98 5.72 2.68
CA VAL A 157 4.98 5.14 3.58
C VAL A 157 5.82 6.29 4.16
N MET A 158 5.51 6.64 5.39
CA MET A 158 6.24 7.72 6.08
C MET A 158 7.46 7.14 6.73
N ILE A 159 8.60 7.74 6.42
CA ILE A 159 9.89 7.29 6.93
C ILE A 159 10.62 8.45 7.60
N ASP A 160 10.90 8.27 8.88
CA ASP A 160 11.85 9.12 9.62
C ASP A 160 13.24 8.49 9.52
N HIS A 161 14.08 8.96 8.59
CA HIS A 161 15.36 8.31 8.30
C HIS A 161 16.37 8.41 9.43
N GLU A 162 16.31 9.51 10.18
CA GLU A 162 17.20 9.70 11.34
C GLU A 162 16.91 8.66 12.43
N LEU A 163 15.63 8.44 12.71
CA LEU A 163 15.24 7.47 13.70
C LEU A 163 14.99 6.09 13.09
N ARG A 164 15.13 5.99 11.77
CA ARG A 164 14.81 4.75 11.03
C ARG A 164 13.49 4.13 11.52
N LYS A 165 12.42 4.91 11.47
CA LYS A 165 11.09 4.48 11.85
C LYS A 165 10.18 4.65 10.63
N LEU A 166 9.30 3.68 10.41
CA LEU A 166 8.52 3.65 9.19
C LEU A 166 7.09 3.49 9.63
N ARG A 167 6.17 4.19 8.97
CA ARG A 167 4.74 4.02 9.25
C ARG A 167 3.99 3.93 7.94
N LEU A 168 3.00 3.02 7.89
CA LEU A 168 2.08 2.90 6.76
C LEU A 168 0.87 3.77 7.02
N ILE A 169 0.70 4.77 6.16
CA ILE A 169 -0.33 5.79 6.37
C ILE A 169 -1.42 5.70 5.30
N ASP A 170 -2.43 6.57 5.48
CA ASP A 170 -3.59 6.74 4.60
C ASP A 170 -4.41 5.45 4.29
N TRP A 171 -5.20 5.09 5.28
CA TRP A 171 -6.08 3.93 5.24
C TRP A 171 -7.44 4.25 4.64
N GLY A 172 -7.49 5.36 3.90
CA GLY A 172 -8.70 5.82 3.23
C GLY A 172 -9.27 4.93 2.16
N LEU A 173 -8.42 4.15 1.49
CA LEU A 173 -8.89 3.24 0.46
C LEU A 173 -8.95 1.77 0.94
N ALA A 174 -8.55 1.53 2.19
CA ALA A 174 -8.43 0.17 2.75
C ALA A 174 -9.79 -0.50 2.86
N GLU A 175 -9.83 -1.82 2.80
CA GLU A 175 -11.10 -2.57 2.88
C GLU A 175 -10.97 -3.88 3.66
N PHE A 176 -12.08 -4.39 4.18
CA PHE A 176 -12.11 -5.69 4.85
C PHE A 176 -12.17 -6.76 3.78
N TYR A 177 -11.38 -7.82 3.96
CA TYR A 177 -11.42 -8.94 3.02
C TYR A 177 -12.48 -9.99 3.45
N HIS A 178 -13.41 -10.27 2.53
CA HIS A 178 -14.47 -11.26 2.72
C HIS A 178 -14.43 -12.23 1.53
N PRO A 179 -14.20 -13.54 1.79
CA PRO A 179 -14.14 -14.51 0.69
C PRO A 179 -15.27 -14.33 -0.31
N GLY A 180 -14.93 -14.24 -1.59
CA GLY A 180 -15.92 -14.14 -2.67
C GLY A 180 -16.35 -12.74 -3.09
N LYS A 181 -16.24 -11.76 -2.19
CA LYS A 181 -16.72 -10.41 -2.46
C LYS A 181 -16.09 -9.77 -3.68
N GLU A 182 -16.93 -9.12 -4.48
CA GLU A 182 -16.43 -8.39 -5.62
C GLU A 182 -16.16 -6.94 -5.28
N TYR A 183 -14.92 -6.53 -5.39
CA TYR A 183 -14.55 -5.19 -4.96
C TYR A 183 -14.50 -4.22 -6.12
N ASN A 184 -14.62 -2.94 -5.78
CA ASN A 184 -14.36 -1.85 -6.71
C ASN A 184 -12.91 -1.96 -7.17
N VAL A 185 -12.64 -1.90 -8.46
CA VAL A 185 -11.26 -1.96 -8.96
C VAL A 185 -10.60 -0.58 -9.02
N ARG A 186 -11.39 0.46 -8.80
CA ARG A 186 -10.87 1.83 -8.79
C ARG A 186 -10.27 2.16 -7.43
N VAL A 187 -9.16 1.50 -7.13
CA VAL A 187 -8.46 1.65 -5.86
C VAL A 187 -6.99 1.67 -6.19
N ALA A 188 -6.15 1.91 -5.17
CA ALA A 188 -4.73 2.17 -5.35
C ALA A 188 -4.52 3.41 -6.21
N SER A 189 -3.31 3.52 -6.75
CA SER A 189 -2.96 4.61 -7.59
C SER A 189 -2.38 3.95 -8.82
N ARG A 190 -2.56 4.58 -9.98
CA ARG A 190 -2.36 3.92 -11.26
C ARG A 190 -1.06 3.12 -11.40
N TYR A 191 0.08 3.74 -11.12
CA TYR A 191 1.37 3.06 -11.33
C TYR A 191 1.55 1.83 -10.42
N PHE A 192 0.69 1.71 -9.41
CA PHE A 192 0.81 0.64 -8.45
C PHE A 192 -0.36 -0.33 -8.49
N LYS A 193 -1.23 -0.15 -9.48
CA LYS A 193 -2.39 -1.04 -9.62
C LYS A 193 -1.96 -2.42 -10.16
N GLY A 194 -2.44 -3.46 -9.51
CA GLY A 194 -2.23 -4.81 -10.00
C GLY A 194 -2.96 -5.07 -11.29
N PRO A 195 -2.48 -6.07 -12.07
CA PRO A 195 -3.19 -6.49 -13.28
C PRO A 195 -4.64 -6.86 -13.01
N GLU A 196 -4.94 -7.42 -11.84
CA GLU A 196 -6.32 -7.76 -11.51
C GLU A 196 -7.23 -6.54 -11.64
N LEU A 197 -6.72 -5.38 -11.20
CA LEU A 197 -7.52 -4.16 -11.27
C LEU A 197 -7.61 -3.70 -12.72
N LEU A 198 -6.54 -3.90 -13.46
CA LEU A 198 -6.45 -3.39 -14.82
C LEU A 198 -7.24 -4.25 -15.81
N VAL A 199 -7.61 -5.47 -15.40
CA VAL A 199 -8.40 -6.39 -16.24
C VAL A 199 -9.80 -6.68 -15.67
N ASP A 200 -10.17 -5.89 -14.65
CA ASP A 200 -11.47 -5.98 -13.96
C ASP A 200 -11.77 -7.30 -13.25
N LEU A 201 -10.74 -7.93 -12.67
CA LEU A 201 -10.94 -9.06 -11.79
C LEU A 201 -11.30 -8.47 -10.43
N GLN A 202 -12.55 -8.65 -10.02
CA GLN A 202 -13.07 -7.93 -8.87
C GLN A 202 -12.92 -8.72 -7.56
N ASP A 203 -12.81 -10.05 -7.65
CA ASP A 203 -12.66 -10.83 -6.42
C ASP A 203 -11.17 -10.99 -6.03
N TYR A 204 -10.53 -9.84 -5.80
CA TYR A 204 -9.13 -9.82 -5.44
C TYR A 204 -8.97 -9.85 -3.91
N ASP A 205 -7.73 -9.85 -3.45
CA ASP A 205 -7.44 -10.01 -2.03
C ASP A 205 -6.16 -9.29 -1.62
N TYR A 206 -5.66 -9.60 -0.41
CA TYR A 206 -4.39 -9.08 0.13
C TYR A 206 -3.23 -9.04 -0.88
N SER A 207 -3.16 -10.05 -1.74
CA SER A 207 -2.19 -10.16 -2.84
C SER A 207 -2.07 -8.89 -3.68
N LEU A 208 -3.16 -8.15 -3.83
CA LEU A 208 -3.10 -6.87 -4.54
C LEU A 208 -1.98 -5.96 -3.99
N ASP A 209 -1.85 -5.91 -2.65
CA ASP A 209 -0.86 -5.05 -1.97
C ASP A 209 0.58 -5.49 -2.23
N MET A 210 0.75 -6.79 -2.51
CA MET A 210 2.07 -7.37 -2.79
C MET A 210 2.57 -6.97 -4.17
N TRP A 211 1.65 -6.84 -5.13
CA TRP A 211 1.99 -6.29 -6.45
C TRP A 211 2.45 -4.85 -6.27
N SER A 212 1.64 -4.07 -5.54
CA SER A 212 1.92 -2.66 -5.27
C SER A 212 3.30 -2.53 -4.64
N LEU A 213 3.54 -3.34 -3.61
CA LEU A 213 4.86 -3.41 -2.97
C LEU A 213 5.97 -3.70 -3.99
N GLY A 214 5.76 -4.73 -4.83
CA GLY A 214 6.68 -5.05 -5.93
C GLY A 214 7.01 -3.86 -6.81
N CYS A 215 5.98 -3.07 -7.15
CA CYS A 215 6.19 -1.86 -7.97
C CYS A 215 7.06 -0.83 -7.24
N MET A 216 6.74 -0.56 -5.98
CA MET A 216 7.56 0.29 -5.11
C MET A 216 9.02 -0.20 -5.02
N PHE A 217 9.16 -1.51 -4.85
CA PHE A 217 10.47 -2.13 -4.66
C PHE A 217 11.27 -2.05 -5.95
N ALA A 218 10.64 -2.35 -7.10
CA ALA A 218 11.33 -2.23 -8.40
C ALA A 218 11.85 -0.82 -8.60
N GLY A 219 11.02 0.18 -8.28
CA GLY A 219 11.43 1.59 -8.38
C GLY A 219 12.64 1.93 -7.56
N MET A 220 12.67 1.43 -6.33
CA MET A 220 13.82 1.63 -5.42
C MET A 220 15.12 1.00 -5.88
N ILE A 221 15.11 -0.32 -6.15
CA ILE A 221 16.32 -0.98 -6.62
C ILE A 221 16.76 -0.56 -8.04
N PHE A 222 15.82 -0.22 -8.91
CA PHE A 222 16.24 0.20 -10.26
C PHE A 222 16.40 1.72 -10.42
N ARG A 223 16.01 2.49 -9.41
CA ARG A 223 15.98 3.96 -9.45
C ARG A 223 15.18 4.41 -10.68
N LYS A 224 13.98 3.86 -10.80
CA LYS A 224 13.10 4.16 -11.90
C LYS A 224 11.73 4.24 -11.32
N GLU A 225 11.30 5.47 -11.02
CA GLU A 225 10.08 5.73 -10.31
C GLU A 225 9.22 6.71 -11.10
N PRO A 226 7.95 6.31 -11.37
CA PRO A 226 7.46 4.97 -11.04
C PRO A 226 8.05 3.94 -12.00
N PHE A 227 8.07 2.69 -11.57
CA PHE A 227 8.58 1.61 -12.39
C PHE A 227 7.75 1.37 -13.65
N PHE A 228 6.45 1.20 -13.48
CA PHE A 228 5.48 1.07 -14.56
C PHE A 228 4.76 2.41 -14.75
N TYR A 229 5.12 3.15 -15.79
CA TYR A 229 4.67 4.53 -15.97
C TYR A 229 3.67 4.66 -17.13
N GLY A 230 2.45 4.18 -16.90
CA GLY A 230 1.38 4.29 -17.89
C GLY A 230 0.65 5.62 -17.70
N HIS A 231 0.09 6.16 -18.79
CA HIS A 231 -0.62 7.43 -18.73
C HIS A 231 -2.07 7.26 -18.30
N ASP A 232 -2.67 6.17 -18.72
CA ASP A 232 -4.02 5.85 -18.29
C ASP A 232 -4.03 4.36 -17.98
N ASN A 233 -5.18 3.85 -17.57
CA ASN A 233 -5.30 2.46 -17.13
C ASN A 233 -5.07 1.41 -18.18
N HIS A 234 -5.43 1.71 -19.44
CA HIS A 234 -5.11 0.79 -20.53
C HIS A 234 -3.62 0.78 -20.78
N ASP A 235 -2.99 1.95 -20.74
CA ASP A 235 -1.55 2.09 -20.94
C ASP A 235 -0.74 1.48 -19.79
N GLN A 236 -1.32 1.50 -18.60
CA GLN A 236 -0.72 0.87 -17.44
C GLN A 236 -0.51 -0.63 -17.65
N LEU A 237 -1.53 -1.29 -18.19
CA LEU A 237 -1.43 -2.69 -18.53
C LEU A 237 -0.39 -2.96 -19.64
N VAL A 238 -0.33 -2.07 -20.62
CA VAL A 238 0.59 -2.22 -21.75
C VAL A 238 2.03 -2.14 -21.25
N LYS A 239 2.32 -1.17 -20.38
CA LYS A 239 3.66 -0.99 -19.81
C LYS A 239 4.12 -2.23 -19.00
N ILE A 240 3.18 -2.84 -18.28
CA ILE A 240 3.42 -4.08 -17.53
C ILE A 240 3.76 -5.24 -18.47
N ALA A 241 2.96 -5.37 -19.52
CA ALA A 241 3.06 -6.45 -20.51
C ALA A 241 4.33 -6.36 -21.35
N LYS A 242 4.86 -5.16 -21.51
CA LYS A 242 6.15 -4.98 -22.19
C LYS A 242 7.34 -5.38 -21.32
N VAL A 243 7.09 -5.59 -20.04
CA VAL A 243 8.11 -6.09 -19.13
C VAL A 243 7.90 -7.59 -18.83
N LEU A 244 6.69 -7.96 -18.41
CA LEU A 244 6.40 -9.34 -18.01
C LEU A 244 6.11 -10.25 -19.21
N GLY A 245 5.92 -9.65 -20.39
CA GLY A 245 5.65 -10.41 -21.61
C GLY A 245 4.19 -10.80 -21.63
N THR A 246 3.67 -11.03 -22.83
CA THR A 246 2.24 -11.27 -23.01
C THR A 246 1.79 -12.71 -22.73
N ASP A 247 2.70 -13.68 -22.80
CA ASP A 247 2.33 -15.08 -22.58
C ASP A 247 1.81 -15.31 -21.18
N GLY A 248 2.55 -14.77 -20.20
CA GLY A 248 2.16 -14.80 -18.80
C GLY A 248 0.81 -14.16 -18.64
N LEU A 249 0.57 -13.07 -19.38
CA LEU A 249 -0.73 -12.39 -19.38
C LEU A 249 -1.82 -13.32 -19.88
N ASN A 250 -1.60 -13.96 -21.03
CA ASN A 250 -2.58 -14.86 -21.63
C ASN A 250 -2.94 -16.07 -20.77
N VAL A 251 -1.93 -16.74 -20.21
CA VAL A 251 -2.13 -17.77 -19.19
C VAL A 251 -3.07 -17.26 -18.08
N TYR A 252 -2.76 -16.07 -17.57
CA TYR A 252 -3.52 -15.45 -16.49
C TYR A 252 -4.98 -15.16 -16.84
N LEU A 253 -5.20 -14.56 -18.00
CA LEU A 253 -6.54 -14.21 -18.47
C LEU A 253 -7.44 -15.44 -18.64
N ASN A 254 -6.86 -16.49 -19.18
CA ASN A 254 -7.63 -17.71 -19.39
C ASN A 254 -7.89 -18.51 -18.12
N LYS A 255 -6.91 -18.51 -17.19
CA LYS A 255 -7.12 -19.08 -15.86
C LYS A 255 -8.33 -18.47 -15.15
N TYR A 256 -8.42 -17.14 -15.14
CA TYR A 256 -9.54 -16.47 -14.50
C TYR A 256 -10.67 -16.12 -15.49
N ARG A 257 -10.60 -16.70 -16.68
CA ARG A 257 -11.66 -16.60 -17.69
C ARG A 257 -12.01 -15.15 -17.98
N ILE A 258 -10.97 -14.35 -18.17
CA ILE A 258 -11.13 -12.92 -18.42
C ILE A 258 -10.91 -12.63 -19.90
N GLU A 259 -11.80 -11.81 -20.45
CA GLU A 259 -11.61 -11.31 -21.81
C GLU A 259 -11.34 -9.81 -21.78
N LEU A 260 -10.20 -9.42 -22.33
CA LEU A 260 -9.84 -8.02 -22.49
C LEU A 260 -10.73 -7.40 -23.56
N ASP A 261 -11.37 -6.28 -23.24
CA ASP A 261 -12.16 -5.59 -24.25
C ASP A 261 -11.27 -5.27 -25.46
N PRO A 262 -11.83 -5.35 -26.68
CA PRO A 262 -11.06 -5.38 -27.95
C PRO A 262 -9.96 -4.32 -28.08
N GLN A 263 -10.22 -3.13 -27.55
CA GLN A 263 -9.30 -2.00 -27.67
C GLN A 263 -8.07 -2.18 -26.80
N LEU A 264 -8.29 -2.64 -25.57
CA LEU A 264 -7.20 -2.95 -24.65
C LEU A 264 -6.32 -4.05 -25.23
N GLU A 265 -6.96 -5.14 -25.66
CA GLU A 265 -6.27 -6.28 -26.26
C GLU A 265 -5.38 -5.88 -27.43
N ALA A 266 -5.79 -4.86 -28.17
CA ALA A 266 -5.02 -4.38 -29.32
C ALA A 266 -3.87 -3.48 -28.87
N LEU A 267 -4.12 -2.67 -27.85
CA LEU A 267 -3.08 -1.81 -27.26
C LEU A 267 -1.94 -2.62 -26.66
N VAL A 268 -2.29 -3.65 -25.88
CA VAL A 268 -1.34 -4.55 -25.24
C VAL A 268 -0.45 -5.25 -26.28
N GLY A 269 -1.08 -5.70 -27.36
CA GLY A 269 -0.35 -6.32 -28.46
C GLY A 269 0.20 -7.68 -28.06
N ARG A 270 1.44 -7.92 -28.48
CA ARG A 270 2.17 -9.15 -28.14
C ARG A 270 3.64 -8.79 -27.90
N HIS A 271 4.19 -9.22 -26.77
CA HIS A 271 5.56 -8.86 -26.36
C HIS A 271 6.22 -10.02 -25.65
N SER A 272 7.51 -10.19 -25.91
CA SER A 272 8.32 -11.13 -25.15
C SER A 272 8.71 -10.49 -23.81
N ARG A 273 9.14 -11.32 -22.88
CA ARG A 273 9.49 -10.89 -21.53
C ARG A 273 10.84 -10.17 -21.49
N LYS A 274 10.89 -9.07 -20.73
CA LYS A 274 12.14 -8.34 -20.50
C LYS A 274 12.78 -8.73 -19.17
N PRO A 275 13.89 -9.50 -19.21
CA PRO A 275 14.55 -10.00 -18.00
C PRO A 275 14.96 -8.86 -17.04
N TRP A 276 14.81 -9.10 -15.74
CA TRP A 276 15.01 -8.06 -14.73
C TRP A 276 16.39 -7.39 -14.79
N LEU A 277 17.40 -8.14 -15.23
CA LEU A 277 18.75 -7.60 -15.36
C LEU A 277 18.92 -6.55 -16.46
N LYS A 278 17.98 -6.51 -17.40
CA LYS A 278 18.00 -5.49 -18.44
C LYS A 278 17.73 -4.08 -17.89
N PHE A 279 17.28 -4.00 -16.64
CA PHE A 279 17.01 -2.73 -15.97
C PHE A 279 18.19 -2.21 -15.15
N MET A 280 19.22 -3.04 -14.99
CA MET A 280 20.42 -2.62 -14.27
C MET A 280 21.19 -1.65 -15.13
N ASN A 281 21.79 -0.65 -14.49
CA ASN A 281 22.64 0.32 -15.16
C ASN A 281 23.57 0.96 -14.14
N ALA A 282 24.42 1.90 -14.56
CA ALA A 282 25.40 2.51 -13.66
C ALA A 282 24.80 3.40 -12.55
N ASP A 283 23.51 3.75 -12.67
CA ASP A 283 22.80 4.48 -11.62
C ASP A 283 22.28 3.55 -10.52
N ASN A 284 22.03 2.28 -10.88
CA ASN A 284 21.36 1.37 -9.95
C ASN A 284 22.16 0.14 -9.54
N GLN A 285 23.29 -0.10 -10.21
CA GLN A 285 24.13 -1.28 -9.99
C GLN A 285 24.41 -1.58 -8.52
N HIS A 286 24.72 -0.53 -7.75
CA HIS A 286 24.96 -0.63 -6.32
C HIS A 286 23.77 -1.22 -5.51
N LEU A 287 22.60 -1.31 -6.14
CA LEU A 287 21.40 -1.84 -5.43
C LEU A 287 20.86 -3.12 -6.03
N VAL A 288 21.32 -3.45 -7.23
CA VAL A 288 20.88 -4.68 -7.87
C VAL A 288 21.77 -5.85 -7.44
N SER A 289 21.12 -6.90 -6.95
CA SER A 289 21.76 -8.13 -6.49
C SER A 289 20.79 -9.24 -6.90
N PRO A 290 21.30 -10.47 -7.08
CA PRO A 290 20.40 -11.62 -7.32
C PRO A 290 19.32 -11.80 -6.26
N GLU A 291 19.63 -11.58 -4.98
CA GLU A 291 18.59 -11.72 -3.96
C GLU A 291 17.48 -10.68 -4.14
N ALA A 292 17.85 -9.42 -4.43
CA ALA A 292 16.85 -8.39 -4.81
C ALA A 292 15.93 -8.78 -5.98
N ILE A 293 16.56 -9.21 -7.05
CA ILE A 293 15.87 -9.62 -8.26
C ILE A 293 14.99 -10.84 -8.02
N ASP A 294 15.50 -11.82 -7.26
CA ASP A 294 14.67 -13.01 -6.97
C ASP A 294 13.42 -12.63 -6.18
N PHE A 295 13.61 -11.80 -5.17
CA PHE A 295 12.49 -11.29 -4.38
C PHE A 295 11.49 -10.50 -5.24
N LEU A 296 12.00 -9.54 -6.02
CA LEU A 296 11.18 -8.76 -6.96
C LEU A 296 10.37 -9.67 -7.87
N ASP A 297 11.05 -10.64 -8.50
CA ASP A 297 10.46 -11.55 -9.43
C ASP A 297 9.28 -12.27 -8.81
N LYS A 298 9.41 -12.60 -7.53
CA LYS A 298 8.35 -13.33 -6.83
C LYS A 298 7.20 -12.44 -6.36
N LEU A 299 7.36 -11.12 -6.46
CA LEU A 299 6.26 -10.18 -6.17
C LEU A 299 5.51 -9.85 -7.45
N LEU A 300 6.23 -9.49 -8.50
CA LEU A 300 5.59 -9.06 -9.74
C LEU A 300 5.14 -10.23 -10.59
N ARG A 301 4.03 -10.85 -10.19
CA ARG A 301 3.44 -11.94 -10.95
C ARG A 301 2.03 -11.48 -11.38
N TYR A 302 1.67 -11.70 -12.63
CA TYR A 302 0.31 -11.39 -13.08
C TYR A 302 -0.68 -12.04 -12.12
N ASP A 303 -0.51 -13.35 -11.92
CA ASP A 303 -1.40 -14.13 -11.08
C ASP A 303 -1.13 -13.78 -9.64
N HIS A 304 -2.11 -13.13 -9.04
CA HIS A 304 -2.10 -12.70 -7.67
C HIS A 304 -2.04 -13.86 -6.68
N GLN A 305 -2.55 -15.03 -7.09
CA GLN A 305 -2.47 -16.25 -6.27
C GLN A 305 -1.05 -16.80 -6.24
N GLU A 306 -0.19 -16.28 -7.12
CA GLU A 306 1.13 -16.79 -7.32
C GLU A 306 2.19 -15.92 -6.60
N ARG A 307 1.82 -14.67 -6.28
CA ARG A 307 2.68 -13.77 -5.54
C ARG A 307 2.98 -14.25 -4.12
N LEU A 308 4.15 -13.88 -3.61
CA LEU A 308 4.46 -14.07 -2.19
C LEU A 308 3.45 -13.40 -1.31
N THR A 309 3.12 -14.06 -0.21
CA THR A 309 2.41 -13.44 0.87
C THR A 309 3.41 -12.57 1.62
N ALA A 310 2.91 -11.59 2.35
CA ALA A 310 3.79 -10.75 3.16
C ALA A 310 4.58 -11.58 4.18
N LEU A 311 3.94 -12.61 4.74
CA LEU A 311 4.62 -13.56 5.64
C LEU A 311 5.80 -14.25 4.93
N GLU A 312 5.53 -14.81 3.76
CA GLU A 312 6.56 -15.43 2.91
C GLU A 312 7.70 -14.45 2.57
N ALA A 313 7.35 -13.24 2.12
CA ALA A 313 8.36 -12.26 1.72
C ALA A 313 9.36 -11.92 2.83
N MET A 314 8.85 -11.79 4.06
CA MET A 314 9.70 -11.49 5.20
C MET A 314 10.80 -12.54 5.46
N THR A 315 10.57 -13.77 5.01
CA THR A 315 11.55 -14.86 5.20
C THR A 315 12.48 -15.06 4.01
N HIS A 316 12.30 -14.25 2.97
CA HIS A 316 13.13 -14.40 1.81
C HIS A 316 14.55 -14.05 2.25
N PRO A 317 15.56 -14.82 1.78
CA PRO A 317 16.97 -14.57 2.11
C PRO A 317 17.46 -13.16 1.81
N TYR A 318 16.81 -12.45 0.89
CA TYR A 318 17.09 -11.02 0.71
C TYR A 318 17.08 -10.29 2.07
N PHE A 319 16.19 -10.68 2.98
CA PHE A 319 16.12 -9.98 4.28
C PHE A 319 16.94 -10.57 5.45
N GLN A 320 17.81 -11.53 5.19
CA GLN A 320 18.44 -12.27 6.29
C GLN A 320 19.32 -11.47 7.27
N GLN A 321 20.00 -10.42 6.80
CA GLN A 321 20.77 -9.58 7.73
C GLN A 321 19.87 -8.74 8.61
N VAL A 322 18.77 -8.24 8.04
CA VAL A 322 17.77 -7.48 8.77
C VAL A 322 17.21 -8.34 9.91
N ARG A 323 16.79 -9.57 9.56
CA ARG A 323 16.29 -10.57 10.51
C ARG A 323 17.31 -10.92 11.61
N ALA A 324 18.57 -11.13 11.23
CA ALA A 324 19.64 -11.43 12.19
C ALA A 324 19.90 -10.25 13.12
N ALA A 325 19.95 -9.03 12.55
CA ALA A 325 20.06 -7.82 13.35
C ALA A 325 18.99 -7.79 14.43
N GLU A 326 17.78 -8.19 14.06
CA GLU A 326 16.64 -8.23 15.00
C GLU A 326 16.80 -9.27 16.08
N ASN A 327 17.17 -10.49 15.67
CA ASN A 327 17.29 -11.61 16.60
C ASN A 327 18.48 -11.49 17.57
N SER A 328 19.05 -10.28 17.64
CA SER A 328 20.03 -9.92 18.66
C SER A 328 19.66 -8.55 19.26
#